data_6R08
#
_entry.id   6R08
#
_cell.length_a   57.895
_cell.length_b   57.895
_cell.length_c   398.225
_cell.angle_alpha   90.000
_cell.angle_beta   90.000
_cell.angle_gamma   120.000
#
_symmetry.space_group_name_H-M   'P 61 2 2'
#
loop_
_entity.id
_entity.type
_entity.pdbx_description
1 polymer 'Farnesyl diphosphate synthase'
2 non-polymer '3-(carboxymethyl)-5,7-dichloro-1H-indole-2-carboxylic acid'
3 non-polymer 'ZINC ION'
4 non-polymer 'SULFATE ION'
5 water water
#
_entity_poly.entity_id   1
_entity_poly.type   'polypeptide(L)'
_entity_poly.pdbx_seq_one_letter_code
;GPMASMERFLSVYDEVQAFLLDQLQSKYEIDPNRARYLRIMMDTTCLGGKYFRGMTVVNVAEGFLAVTQHDEATKERILH
DACVGGWMIEFLQAHYLVEDDIMDGSVMRRGKPCWYRFPGVTTQCAINDGIILKSWTQIMAWHYFADRPFLKDLLCLFQK
VDYATAVGQMYDVTSMCDSNKLDPEVAQPMTTDFAEFTPAIYKRIVKYKTTFYTYLLPLVMGLLVSEAAASVEMNLVERV
AHLIGEYFQVQDDVMDCFTPPEQLGKVGTDIEDAKCSWLAVTFLGKANAAQVAEFKANYGEKDPAKVAVVKRLYSKANLQ
ADFAAYEAEVVREVESLIEQLKVKSPTFAESVAVVWEKTHKRKK
;
_entity_poly.pdbx_strand_id   A
#
loop_
_chem_comp.id
_chem_comp.type
_chem_comp.name
_chem_comp.formula
GO1 non-polymer '3-(carboxymethyl)-5,7-dichloro-1H-indole-2-carboxylic acid' 'C11 H7 Cl2 N O4'
SO4 non-polymer 'SULFATE ION' 'O4 S -2'
ZN non-polymer 'ZINC ION' 'Zn 2'
#
# COMPACT_ATOMS: atom_id res chain seq x y z
N MET A 3 0.80 0.83 -28.10
CA MET A 3 1.80 1.35 -27.15
C MET A 3 1.86 0.44 -25.90
N ALA A 4 3.09 0.08 -25.44
CA ALA A 4 3.29 -0.76 -24.26
C ALA A 4 2.79 -0.07 -22.98
N SER A 5 2.17 -0.85 -22.08
CA SER A 5 1.49 -0.40 -20.85
C SER A 5 2.37 0.46 -19.95
N MET A 6 3.56 -0.05 -19.60
CA MET A 6 4.49 0.67 -18.73
C MET A 6 4.93 2.00 -19.35
N GLU A 7 5.24 2.03 -20.66
CA GLU A 7 5.64 3.26 -21.31
C GLU A 7 4.55 4.28 -21.35
N ARG A 8 3.27 3.84 -21.57
CA ARG A 8 2.16 4.78 -21.55
C ARG A 8 2.04 5.36 -20.14
N PHE A 9 2.09 4.48 -19.13
CA PHE A 9 1.98 4.89 -17.73
C PHE A 9 3.03 5.94 -17.34
N LEU A 10 4.31 5.70 -17.68
CA LEU A 10 5.38 6.66 -17.41
C LEU A 10 5.22 7.97 -18.19
N SER A 11 4.76 7.93 -19.47
N SER A 11 4.75 7.91 -19.46
CA SER A 11 4.54 9.16 -20.25
CA SER A 11 4.52 9.09 -20.28
C SER A 11 3.46 10.01 -19.59
C SER A 11 3.44 9.98 -19.65
N VAL A 12 2.41 9.34 -19.04
CA VAL A 12 1.34 10.07 -18.38
C VAL A 12 1.87 10.76 -17.11
N TYR A 13 2.86 10.14 -16.40
CA TYR A 13 3.46 10.83 -15.24
C TYR A 13 4.01 12.19 -15.71
N ASP A 14 4.73 12.22 -16.84
CA ASP A 14 5.32 13.48 -17.29
C ASP A 14 4.25 14.53 -17.59
N GLU A 15 3.14 14.07 -18.18
CA GLU A 15 2.04 14.94 -18.51
C GLU A 15 1.40 15.50 -17.24
N VAL A 16 1.11 14.62 -16.28
CA VAL A 16 0.51 15.03 -15.01
C VAL A 16 1.42 15.98 -14.26
N GLN A 17 2.73 15.66 -14.19
CA GLN A 17 3.67 16.54 -13.52
C GLN A 17 3.64 17.93 -14.16
N ALA A 18 3.75 17.98 -15.51
CA ALA A 18 3.76 19.28 -16.21
C ALA A 18 2.47 20.04 -15.92
N PHE A 19 1.30 19.36 -15.93
CA PHE A 19 0.05 20.02 -15.65
C PHE A 19 0.05 20.64 -14.23
N LEU A 20 0.44 19.83 -13.23
CA LEU A 20 0.40 20.31 -11.84
C LEU A 20 1.32 21.49 -11.65
N LEU A 21 2.56 21.40 -12.19
CA LEU A 21 3.52 22.50 -12.02
C LEU A 21 3.12 23.74 -12.81
N ASP A 22 2.54 23.56 -14.01
N ASP A 22 2.53 23.56 -14.01
CA ASP A 22 2.09 24.72 -14.80
CA ASP A 22 2.08 24.71 -14.81
C ASP A 22 0.97 25.44 -14.06
C ASP A 22 0.91 25.43 -14.14
N GLN A 23 0.00 24.68 -13.49
CA GLN A 23 -1.13 25.23 -12.75
C GLN A 23 -0.64 26.00 -11.52
N LEU A 24 0.42 25.52 -10.87
CA LEU A 24 0.97 26.24 -9.71
C LEU A 24 1.48 27.60 -10.17
N GLN A 25 2.04 27.67 -11.38
CA GLN A 25 2.55 28.95 -11.92
C GLN A 25 1.39 29.89 -12.34
N SER A 26 0.41 29.37 -13.06
CA SER A 26 -0.65 30.22 -13.60
C SER A 26 -1.74 30.61 -12.60
N LYS A 27 -1.98 29.77 -11.56
CA LYS A 27 -3.07 30.02 -10.62
C LYS A 27 -2.68 30.20 -9.17
N TYR A 28 -1.47 29.74 -8.79
CA TYR A 28 -1.06 29.75 -7.37
C TYR A 28 0.13 30.64 -7.10
N GLU A 29 0.51 31.48 -8.09
CA GLU A 29 1.59 32.46 -7.97
C GLU A 29 2.96 31.85 -7.60
N ILE A 30 3.19 30.57 -7.96
CA ILE A 30 4.48 29.96 -7.63
C ILE A 30 5.62 30.56 -8.44
N ASP A 31 6.79 30.63 -7.80
CA ASP A 31 8.03 31.06 -8.38
C ASP A 31 8.80 29.83 -8.88
N PRO A 32 9.74 30.02 -9.84
CA PRO A 32 10.46 28.86 -10.41
C PRO A 32 11.23 27.99 -9.44
N ASN A 33 11.79 28.57 -8.38
CA ASN A 33 12.57 27.82 -7.41
C ASN A 33 11.69 26.88 -6.55
N ARG A 34 10.51 27.35 -6.18
CA ARG A 34 9.62 26.48 -5.41
C ARG A 34 8.99 25.42 -6.32
N ALA A 35 8.78 25.76 -7.60
CA ALA A 35 8.26 24.76 -8.54
C ALA A 35 9.30 23.63 -8.70
N ARG A 36 10.60 24.01 -8.76
N ARG A 36 10.59 24.01 -8.75
CA ARG A 36 11.66 23.02 -8.87
CA ARG A 36 11.69 23.06 -8.88
C ARG A 36 11.70 22.12 -7.64
C ARG A 36 11.78 22.15 -7.64
N TYR A 37 11.61 22.72 -6.42
CA TYR A 37 11.60 21.92 -5.20
C TYR A 37 10.44 20.92 -5.28
N LEU A 38 9.24 21.38 -5.72
CA LEU A 38 8.09 20.46 -5.75
C LEU A 38 8.22 19.39 -6.83
N ARG A 39 8.92 19.73 -7.94
CA ARG A 39 9.15 18.77 -9.01
C ARG A 39 10.09 17.67 -8.49
N ILE A 40 11.18 18.07 -7.77
CA ILE A 40 12.09 17.09 -7.21
C ILE A 40 11.38 16.27 -6.12
N MET A 41 10.54 16.93 -5.28
CA MET A 41 9.81 16.18 -4.26
C MET A 41 8.91 15.11 -4.92
N MET A 42 8.17 15.49 -5.97
CA MET A 42 7.28 14.55 -6.66
C MET A 42 8.08 13.38 -7.20
N ASP A 43 9.20 13.66 -7.87
CA ASP A 43 9.99 12.58 -8.45
C ASP A 43 10.54 11.66 -7.36
N THR A 44 11.05 12.25 -6.29
CA THR A 44 11.69 11.45 -5.26
C THR A 44 10.73 10.58 -4.49
N THR A 45 9.48 11.07 -4.31
CA THR A 45 8.51 10.35 -3.49
C THR A 45 7.60 9.44 -4.31
N CYS A 46 7.40 9.79 -5.61
CA CYS A 46 6.46 9.04 -6.46
C CYS A 46 7.11 8.01 -7.36
N LEU A 47 8.41 8.19 -7.69
CA LEU A 47 9.03 7.30 -8.66
C LEU A 47 10.03 6.36 -8.00
N GLY A 48 10.37 5.28 -8.69
CA GLY A 48 11.40 4.35 -8.22
C GLY A 48 10.90 3.03 -7.71
N GLY A 49 9.59 2.94 -7.43
CA GLY A 49 8.95 1.70 -7.01
C GLY A 49 8.61 0.86 -8.22
N LYS A 50 7.83 -0.21 -8.01
CA LYS A 50 7.43 -1.15 -9.07
C LYS A 50 6.16 -0.70 -9.83
N TYR A 51 5.44 0.29 -9.27
CA TYR A 51 4.19 0.82 -9.86
C TYR A 51 3.12 -0.27 -9.94
N PHE A 52 3.19 -1.22 -9.03
CA PHE A 52 2.21 -2.32 -9.04
C PHE A 52 0.75 -1.82 -8.92
N ARG A 53 0.51 -0.87 -8.00
CA ARG A 53 -0.86 -0.38 -7.80
C ARG A 53 -1.36 0.37 -9.02
N GLY A 54 -0.55 1.31 -9.52
CA GLY A 54 -0.97 2.06 -10.71
C GLY A 54 -1.17 1.18 -11.92
N MET A 55 -0.23 0.24 -12.15
CA MET A 55 -0.31 -0.67 -13.30
C MET A 55 -1.46 -1.65 -13.21
N THR A 56 -1.94 -1.98 -11.99
CA THR A 56 -3.14 -2.84 -11.87
C THR A 56 -4.34 -2.12 -12.53
N VAL A 57 -4.47 -0.79 -12.32
CA VAL A 57 -5.61 -0.08 -12.95
C VAL A 57 -5.52 -0.22 -14.49
N VAL A 58 -4.31 0.00 -15.02
CA VAL A 58 -4.08 -0.09 -16.47
C VAL A 58 -4.41 -1.51 -16.97
N ASN A 59 -3.89 -2.53 -16.26
CA ASN A 59 -4.10 -3.91 -16.67
C ASN A 59 -5.60 -4.30 -16.69
N VAL A 60 -6.35 -3.86 -15.66
CA VAL A 60 -7.79 -4.17 -15.61
C VAL A 60 -8.46 -3.49 -16.81
N ALA A 61 -8.10 -2.22 -17.06
CA ALA A 61 -8.74 -1.50 -18.20
C ALA A 61 -8.38 -2.14 -19.54
N GLU A 62 -7.13 -2.59 -19.68
CA GLU A 62 -6.72 -3.29 -20.93
C GLU A 62 -7.50 -4.57 -21.14
N GLY A 63 -7.79 -5.29 -20.04
CA GLY A 63 -8.54 -6.54 -20.11
C GLY A 63 -9.90 -6.29 -20.75
N PHE A 64 -10.59 -5.22 -20.29
CA PHE A 64 -11.92 -4.93 -20.83
C PHE A 64 -11.87 -4.41 -22.25
N LEU A 65 -10.82 -3.67 -22.62
CA LEU A 65 -10.72 -3.15 -23.99
C LEU A 65 -10.67 -4.28 -25.00
N ALA A 66 -10.08 -5.42 -24.61
CA ALA A 66 -9.94 -6.57 -25.48
C ALA A 66 -11.26 -7.25 -25.82
N VAL A 67 -12.31 -7.03 -25.01
CA VAL A 67 -13.60 -7.70 -25.22
C VAL A 67 -14.76 -6.73 -25.44
N THR A 68 -14.50 -5.41 -25.47
CA THR A 68 -15.53 -4.38 -25.60
C THR A 68 -15.35 -3.56 -26.88
N GLN A 69 -16.45 -3.25 -27.57
CA GLN A 69 -16.39 -2.47 -28.81
C GLN A 69 -16.28 -0.98 -28.52
N HIS A 70 -15.25 -0.33 -29.10
CA HIS A 70 -15.04 1.10 -28.89
C HIS A 70 -14.36 1.68 -30.10
N ASP A 71 -14.58 2.99 -30.33
CA ASP A 71 -13.81 3.74 -31.31
C ASP A 71 -12.37 3.79 -30.77
N GLU A 72 -11.40 4.00 -31.67
CA GLU A 72 -9.98 4.12 -31.25
C GLU A 72 -9.79 5.26 -30.26
N ALA A 73 -10.43 6.42 -30.53
CA ALA A 73 -10.31 7.59 -29.62
C ALA A 73 -10.83 7.24 -28.21
N THR A 74 -11.82 6.35 -28.11
CA THR A 74 -12.38 5.96 -26.82
C THR A 74 -11.40 5.03 -26.10
N LYS A 75 -10.77 4.10 -26.86
CA LYS A 75 -9.77 3.20 -26.26
C LYS A 75 -8.64 4.05 -25.68
N GLU A 76 -8.20 5.09 -26.41
CA GLU A 76 -7.11 5.95 -25.93
C GLU A 76 -7.53 6.72 -24.69
N ARG A 77 -8.79 7.21 -24.68
CA ARG A 77 -9.31 7.93 -23.51
C ARG A 77 -9.38 7.03 -22.29
N ILE A 78 -9.86 5.76 -22.45
CA ILE A 78 -9.96 4.86 -21.33
C ILE A 78 -8.56 4.55 -20.80
N LEU A 79 -7.60 4.27 -21.69
CA LEU A 79 -6.22 3.98 -21.22
C LEU A 79 -5.60 5.20 -20.52
N HIS A 80 -5.81 6.40 -21.07
CA HIS A 80 -5.27 7.60 -20.42
C HIS A 80 -5.92 7.78 -19.03
N ASP A 81 -7.25 7.53 -18.94
CA ASP A 81 -7.95 7.65 -17.63
C ASP A 81 -7.40 6.59 -16.65
N ALA A 82 -7.14 5.38 -17.12
CA ALA A 82 -6.57 4.33 -16.26
C ALA A 82 -5.19 4.73 -15.76
N CYS A 83 -4.39 5.41 -16.62
CA CYS A 83 -3.06 5.87 -16.17
C CYS A 83 -3.19 6.98 -15.14
N VAL A 84 -4.07 7.97 -15.38
CA VAL A 84 -4.27 9.06 -14.42
C VAL A 84 -4.78 8.48 -13.09
N GLY A 85 -5.76 7.57 -13.17
CA GLY A 85 -6.26 6.93 -11.94
C GLY A 85 -5.17 6.14 -11.21
N GLY A 86 -4.32 5.44 -11.97
CA GLY A 86 -3.18 4.70 -11.43
C GLY A 86 -2.23 5.66 -10.73
N TRP A 87 -1.96 6.85 -11.32
CA TRP A 87 -1.09 7.82 -10.65
C TRP A 87 -1.75 8.41 -9.40
N MET A 88 -3.08 8.55 -9.39
CA MET A 88 -3.75 8.97 -8.14
C MET A 88 -3.37 8.00 -7.03
N ILE A 89 -3.40 6.68 -7.33
CA ILE A 89 -3.09 5.72 -6.28
C ILE A 89 -1.60 5.76 -5.91
N GLU A 90 -0.71 5.93 -6.89
CA GLU A 90 0.72 5.99 -6.58
C GLU A 90 1.01 7.24 -5.74
N PHE A 91 0.35 8.38 -6.01
CA PHE A 91 0.57 9.59 -5.22
C PHE A 91 -0.02 9.45 -3.83
N LEU A 92 -1.11 8.68 -3.71
CA LEU A 92 -1.70 8.41 -2.39
C LEU A 92 -0.72 7.57 -1.59
N GLN A 93 -0.12 6.56 -2.23
CA GLN A 93 0.89 5.77 -1.54
C GLN A 93 2.08 6.67 -1.16
N ALA A 94 2.52 7.55 -2.07
CA ALA A 94 3.66 8.45 -1.78
C ALA A 94 3.38 9.30 -0.52
N HIS A 95 2.12 9.79 -0.38
CA HIS A 95 1.67 10.55 0.79
C HIS A 95 1.86 9.69 2.05
N TYR A 96 1.29 8.49 2.06
N TYR A 96 1.34 8.44 2.02
CA TYR A 96 1.42 7.67 3.26
CA TYR A 96 1.46 7.52 3.16
C TYR A 96 2.87 7.24 3.54
C TYR A 96 2.88 7.24 3.53
N LEU A 97 3.73 6.98 2.51
CA LEU A 97 5.14 6.63 2.80
C LEU A 97 5.88 7.81 3.43
N VAL A 98 5.69 9.02 2.90
CA VAL A 98 6.36 10.21 3.46
C VAL A 98 5.94 10.37 4.91
N GLU A 99 4.63 10.32 5.18
CA GLU A 99 4.15 10.59 6.55
C GLU A 99 4.52 9.45 7.48
N ASP A 100 4.41 8.21 7.03
N ASP A 100 4.41 8.19 7.02
CA ASP A 100 4.75 7.05 7.87
CA ASP A 100 4.75 7.02 7.84
C ASP A 100 6.22 7.00 8.20
C ASP A 100 6.22 7.01 8.21
N ASP A 101 7.10 7.38 7.27
CA ASP A 101 8.54 7.38 7.55
C ASP A 101 8.85 8.41 8.64
N ILE A 102 8.14 9.57 8.61
CA ILE A 102 8.36 10.58 9.66
C ILE A 102 7.80 10.03 10.98
N MET A 103 6.56 9.50 10.97
CA MET A 103 5.93 8.98 12.21
C MET A 103 6.79 7.91 12.87
N ASP A 104 7.42 7.05 12.06
CA ASP A 104 8.19 5.90 12.56
C ASP A 104 9.66 6.18 12.78
N GLY A 105 10.15 7.36 12.37
CA GLY A 105 11.57 7.69 12.48
C GLY A 105 12.40 6.82 11.57
N SER A 106 11.84 6.41 10.42
CA SER A 106 12.56 5.57 9.48
C SER A 106 13.76 6.25 8.88
N VAL A 107 14.78 5.44 8.48
CA VAL A 107 16.03 5.95 7.94
C VAL A 107 16.09 5.89 6.42
N MET A 108 15.75 4.73 5.85
CA MET A 108 15.81 4.52 4.42
C MET A 108 14.49 4.05 3.84
N ARG A 109 14.31 4.33 2.55
CA ARG A 109 13.13 4.00 1.73
C ARG A 109 13.61 3.91 0.27
N ARG A 110 13.35 2.77 -0.40
CA ARG A 110 13.71 2.51 -1.81
C ARG A 110 15.24 2.71 -2.06
N GLY A 111 16.06 2.28 -1.08
CA GLY A 111 17.53 2.35 -1.07
C GLY A 111 18.14 3.73 -0.90
N LYS A 112 17.31 4.74 -0.65
CA LYS A 112 17.73 6.14 -0.47
C LYS A 112 17.23 6.64 0.90
N PRO A 113 17.72 7.79 1.41
CA PRO A 113 17.17 8.31 2.66
C PRO A 113 15.68 8.62 2.50
N CYS A 114 14.95 8.50 3.60
CA CYS A 114 13.55 8.91 3.62
C CYS A 114 13.51 10.38 3.26
N TRP A 115 12.45 10.82 2.58
CA TRP A 115 12.35 12.22 2.14
C TRP A 115 12.64 13.25 3.25
N TYR A 116 12.06 13.06 4.47
CA TYR A 116 12.27 14.07 5.52
C TYR A 116 13.73 14.23 5.91
N ARG A 117 14.55 13.21 5.62
N ARG A 117 14.56 13.21 5.61
CA ARG A 117 15.97 13.16 5.96
CA ARG A 117 15.98 13.21 5.98
C ARG A 117 16.86 13.90 4.98
C ARG A 117 16.87 13.91 4.97
N PHE A 118 16.31 14.32 3.83
CA PHE A 118 17.10 15.05 2.83
C PHE A 118 17.51 16.39 3.50
N PRO A 119 18.75 16.83 3.31
CA PRO A 119 19.23 18.01 4.08
C PRO A 119 18.41 19.27 3.95
N GLY A 120 17.86 19.53 2.75
CA GLY A 120 17.08 20.73 2.47
C GLY A 120 15.59 20.55 2.62
N VAL A 121 15.17 19.41 3.20
CA VAL A 121 13.75 19.14 3.37
C VAL A 121 13.38 19.37 4.83
N THR A 122 13.78 18.45 5.72
CA THR A 122 13.46 18.48 7.17
C THR A 122 12.03 18.13 7.43
N THR A 123 11.73 17.72 8.67
CA THR A 123 10.37 17.32 9.03
C THR A 123 9.40 18.48 8.83
N GLN A 124 9.84 19.71 9.13
CA GLN A 124 8.99 20.89 9.00
C GLN A 124 8.38 20.97 7.60
N CYS A 125 9.19 20.72 6.59
CA CYS A 125 8.67 20.74 5.22
C CYS A 125 8.04 19.46 4.83
N ALA A 126 8.68 18.32 5.21
CA ALA A 126 8.20 17.02 4.72
C ALA A 126 6.76 16.69 5.11
N ILE A 127 6.32 17.08 6.31
CA ILE A 127 4.92 16.82 6.70
C ILE A 127 4.02 17.51 5.67
N ASN A 128 4.30 18.78 5.35
CA ASN A 128 3.47 19.49 4.40
C ASN A 128 3.63 18.92 3.00
N ASP A 129 4.85 18.50 2.61
CA ASP A 129 5.02 17.90 1.27
C ASP A 129 4.12 16.66 1.14
N GLY A 130 4.02 15.86 2.20
CA GLY A 130 3.14 14.69 2.16
C GLY A 130 1.69 15.09 2.01
N ILE A 131 1.31 16.21 2.65
CA ILE A 131 -0.06 16.77 2.50
C ILE A 131 -0.32 17.15 1.03
N ILE A 132 0.66 17.84 0.43
CA ILE A 132 0.54 18.24 -0.98
C ILE A 132 0.39 17.01 -1.88
N LEU A 133 1.17 15.94 -1.63
CA LEU A 133 1.07 14.73 -2.46
C LEU A 133 -0.38 14.23 -2.51
N LYS A 134 -1.06 14.18 -1.35
CA LYS A 134 -2.45 13.70 -1.40
C LYS A 134 -3.35 14.76 -2.05
N SER A 135 -3.08 16.06 -1.82
CA SER A 135 -3.89 17.07 -2.47
C SER A 135 -3.80 16.96 -4.00
N TRP A 136 -2.61 16.64 -4.53
CA TRP A 136 -2.44 16.46 -5.97
C TRP A 136 -3.34 15.33 -6.53
N THR A 137 -3.66 14.30 -5.71
CA THR A 137 -4.55 13.24 -6.24
C THR A 137 -5.91 13.83 -6.60
N GLN A 138 -6.38 14.80 -5.78
CA GLN A 138 -7.69 15.41 -6.03
C GLN A 138 -7.61 16.40 -7.16
N ILE A 139 -6.49 17.16 -7.26
CA ILE A 139 -6.35 18.09 -8.39
C ILE A 139 -6.39 17.31 -9.70
N MET A 140 -5.67 16.16 -9.78
CA MET A 140 -5.66 15.27 -10.95
C MET A 140 -7.08 14.84 -11.29
N ALA A 141 -7.84 14.35 -10.28
CA ALA A 141 -9.17 13.84 -10.55
C ALA A 141 -10.11 14.88 -11.11
N TRP A 142 -10.14 16.04 -10.47
CA TRP A 142 -11.07 17.10 -10.92
C TRP A 142 -10.70 17.63 -12.29
N HIS A 143 -9.41 17.68 -12.61
CA HIS A 143 -8.99 18.19 -13.92
C HIS A 143 -9.26 17.15 -15.00
N TYR A 144 -8.70 15.94 -14.86
CA TYR A 144 -8.80 14.94 -15.93
C TYR A 144 -10.16 14.29 -16.06
N PHE A 145 -10.89 14.18 -14.93
CA PHE A 145 -12.17 13.47 -14.96
C PHE A 145 -13.41 14.36 -14.80
N ALA A 146 -13.25 15.68 -14.95
CA ALA A 146 -14.30 16.69 -14.81
C ALA A 146 -15.64 16.28 -15.41
N ASP A 147 -15.61 15.79 -16.62
CA ASP A 147 -16.88 15.46 -17.29
C ASP A 147 -17.23 14.00 -17.30
N ARG A 148 -16.46 13.18 -16.59
CA ARG A 148 -16.68 11.75 -16.67
C ARG A 148 -17.84 11.25 -15.85
N PRO A 149 -18.54 10.22 -16.34
CA PRO A 149 -19.70 9.73 -15.59
C PRO A 149 -19.32 9.07 -14.28
N PHE A 150 -18.06 8.60 -14.19
CA PHE A 150 -17.60 7.87 -13.00
C PHE A 150 -16.96 8.78 -11.97
N LEU A 151 -16.89 10.11 -12.22
CA LEU A 151 -16.19 11.00 -11.27
C LEU A 151 -16.69 10.90 -9.84
N LYS A 152 -18.01 10.95 -9.65
CA LYS A 152 -18.58 10.87 -8.31
C LYS A 152 -18.21 9.56 -7.62
N ASP A 153 -18.43 8.41 -8.29
CA ASP A 153 -18.12 7.11 -7.71
C ASP A 153 -16.64 6.98 -7.40
N LEU A 154 -15.80 7.47 -8.30
CA LEU A 154 -14.35 7.37 -8.11
C LEU A 154 -13.93 8.21 -6.87
N LEU A 155 -14.41 9.47 -6.76
CA LEU A 155 -14.01 10.30 -5.59
C LEU A 155 -14.51 9.74 -4.30
N CYS A 156 -15.76 9.20 -4.30
CA CYS A 156 -16.34 8.62 -3.10
C CYS A 156 -15.55 7.37 -2.67
N LEU A 157 -15.20 6.50 -3.63
CA LEU A 157 -14.40 5.30 -3.34
C LEU A 157 -13.00 5.71 -2.81
N PHE A 158 -12.36 6.67 -3.51
CA PHE A 158 -11.02 7.09 -3.12
C PHE A 158 -10.97 7.63 -1.68
N GLN A 159 -12.03 8.39 -1.30
N GLN A 159 -11.97 8.46 -1.28
CA GLN A 159 -12.16 8.95 0.03
CA GLN A 159 -11.96 9.02 0.08
C GLN A 159 -12.19 7.84 1.04
C GLN A 159 -12.25 7.93 1.14
N LYS A 160 -13.11 6.92 0.84
CA LYS A 160 -13.34 5.81 1.77
C LYS A 160 -12.08 4.99 1.94
N VAL A 161 -11.34 4.74 0.84
CA VAL A 161 -10.12 3.95 0.91
C VAL A 161 -9.06 4.73 1.70
N ASP A 162 -8.91 6.06 1.40
CA ASP A 162 -7.94 6.87 2.14
C ASP A 162 -8.25 6.86 3.65
N TYR A 163 -9.54 7.01 4.02
CA TYR A 163 -9.92 7.00 5.43
C TYR A 163 -9.64 5.63 6.06
N ALA A 164 -9.99 4.55 5.35
CA ALA A 164 -9.72 3.20 5.88
C ALA A 164 -8.22 3.05 6.14
N THR A 165 -7.38 3.59 5.24
CA THR A 165 -5.93 3.47 5.37
C THR A 165 -5.45 4.21 6.62
N ALA A 166 -5.97 5.45 6.86
CA ALA A 166 -5.54 6.22 8.05
C ALA A 166 -6.00 5.48 9.32
N VAL A 167 -7.20 4.86 9.28
CA VAL A 167 -7.67 4.06 10.40
C VAL A 167 -6.72 2.86 10.61
N GLY A 168 -6.29 2.24 9.52
CA GLY A 168 -5.34 1.13 9.57
C GLY A 168 -4.00 1.52 10.18
N GLN A 169 -3.52 2.74 9.85
CA GLN A 169 -2.28 3.24 10.41
C GLN A 169 -2.44 3.38 11.93
N MET A 170 -3.63 3.83 12.39
CA MET A 170 -3.85 3.91 13.83
C MET A 170 -3.81 2.50 14.42
N TYR A 171 -4.47 1.54 13.77
CA TYR A 171 -4.45 0.15 14.29
C TYR A 171 -3.02 -0.38 14.39
N ASP A 172 -2.18 -0.07 13.39
CA ASP A 172 -0.79 -0.52 13.34
C ASP A 172 0.07 0.11 14.43
N VAL A 173 0.06 1.44 14.54
CA VAL A 173 0.95 2.13 15.49
C VAL A 173 0.57 1.87 16.95
N THR A 174 -0.68 1.40 17.20
CA THR A 174 -1.13 1.12 18.56
C THR A 174 -1.19 -0.41 18.83
N SER A 175 -0.67 -1.24 17.93
CA SER A 175 -0.83 -2.68 18.03
C SER A 175 -0.03 -3.35 19.16
N MET A 176 0.94 -2.64 19.72
CA MET A 176 1.79 -3.13 20.80
C MET A 176 1.36 -2.62 22.16
N CYS A 177 0.23 -1.91 22.22
CA CYS A 177 -0.30 -1.39 23.46
C CYS A 177 -1.52 -2.17 23.86
N ASP A 178 -1.86 -2.19 25.16
CA ASP A 178 -3.08 -2.86 25.59
C ASP A 178 -4.22 -1.92 25.30
N SER A 179 -5.26 -2.38 24.59
CA SER A 179 -6.38 -1.50 24.22
C SER A 179 -7.02 -0.77 25.40
N ASN A 180 -7.22 -1.46 26.55
CA ASN A 180 -7.84 -0.84 27.71
C ASN A 180 -7.01 0.28 28.34
N LYS A 181 -5.71 0.38 28.00
CA LYS A 181 -4.83 1.43 28.53
C LYS A 181 -4.69 2.65 27.59
N LEU A 182 -5.26 2.61 26.36
CA LEU A 182 -5.18 3.75 25.43
C LEU A 182 -5.77 4.94 26.08
N ASP A 183 -5.00 6.05 26.08
CA ASP A 183 -5.44 7.25 26.77
C ASP A 183 -4.51 8.40 26.36
N PRO A 184 -5.04 9.43 25.70
CA PRO A 184 -4.19 10.58 25.33
C PRO A 184 -3.43 11.21 26.50
N GLU A 185 -3.99 11.13 27.73
CA GLU A 185 -3.35 11.73 28.89
C GLU A 185 -2.18 10.93 29.46
N VAL A 186 -2.03 9.63 29.08
CA VAL A 186 -1.04 8.77 29.75
C VAL A 186 -0.10 8.11 28.76
N ALA A 187 1.22 8.26 28.99
CA ALA A 187 2.22 7.69 28.09
C ALA A 187 1.98 6.19 28.01
N GLN A 188 1.98 5.69 26.79
CA GLN A 188 1.57 4.31 26.53
C GLN A 188 2.64 3.27 26.75
N PRO A 189 2.42 2.31 27.68
CA PRO A 189 3.39 1.25 27.86
C PRO A 189 3.17 0.15 26.84
N MET A 190 4.23 -0.55 26.51
CA MET A 190 4.14 -1.71 25.65
C MET A 190 3.40 -2.79 26.47
N THR A 191 2.61 -3.62 25.77
CA THR A 191 1.95 -4.77 26.40
C THR A 191 2.97 -5.70 27.01
N THR A 192 2.58 -6.38 28.09
CA THR A 192 3.41 -7.39 28.70
C THR A 192 2.84 -8.77 28.44
N ASP A 193 1.51 -8.87 28.26
CA ASP A 193 0.88 -10.18 28.06
C ASP A 193 0.78 -10.60 26.59
N PHE A 194 0.88 -9.63 25.64
CA PHE A 194 0.72 -9.92 24.21
C PHE A 194 -0.60 -10.65 23.90
N ALA A 195 -1.64 -10.44 24.74
CA ALA A 195 -2.97 -11.06 24.51
C ALA A 195 -3.62 -10.55 23.24
N GLU A 196 -3.24 -9.35 22.77
CA GLU A 196 -3.80 -8.81 21.54
C GLU A 196 -3.00 -9.17 20.28
N PHE A 197 -1.99 -10.08 20.42
CA PHE A 197 -1.28 -10.57 19.25
C PHE A 197 -2.00 -11.85 18.80
N THR A 198 -3.15 -11.70 18.11
CA THR A 198 -3.94 -12.85 17.66
C THR A 198 -4.12 -12.75 16.15
N PRO A 199 -4.45 -13.87 15.48
CA PRO A 199 -4.71 -13.82 14.04
C PRO A 199 -5.83 -12.82 13.68
N ALA A 200 -6.94 -12.78 14.42
CA ALA A 200 -8.04 -11.85 14.11
C ALA A 200 -7.64 -10.39 14.23
N ILE A 201 -6.83 -10.05 15.25
CA ILE A 201 -6.41 -8.65 15.43
C ILE A 201 -5.40 -8.28 14.35
N TYR A 202 -4.48 -9.21 14.04
CA TYR A 202 -3.51 -9.01 12.97
C TYR A 202 -4.26 -8.77 11.64
N LYS A 203 -5.27 -9.62 11.31
CA LYS A 203 -6.06 -9.47 10.09
C LYS A 203 -6.73 -8.09 10.02
N ARG A 204 -7.23 -7.55 11.17
CA ARG A 204 -7.85 -6.21 11.15
C ARG A 204 -6.81 -5.14 10.79
N ILE A 205 -5.60 -5.18 11.40
CA ILE A 205 -4.56 -4.19 11.08
C ILE A 205 -4.27 -4.20 9.61
N VAL A 206 -3.99 -5.37 9.05
CA VAL A 206 -3.58 -5.50 7.67
C VAL A 206 -4.67 -5.11 6.68
N LYS A 207 -5.92 -5.51 6.97
CA LYS A 207 -7.04 -5.20 6.10
C LYS A 207 -7.14 -3.71 5.88
N TYR A 208 -7.10 -2.95 6.98
CA TYR A 208 -7.21 -1.49 6.86
C TYR A 208 -5.92 -0.81 6.45
N LYS A 209 -4.78 -1.19 6.99
CA LYS A 209 -3.57 -0.41 6.69
C LYS A 209 -3.01 -0.61 5.27
N THR A 210 -3.29 -1.78 4.64
CA THR A 210 -2.71 -2.08 3.34
C THR A 210 -3.71 -2.48 2.28
N THR A 211 -4.63 -3.39 2.60
CA THR A 211 -5.41 -4.01 1.53
C THR A 211 -6.37 -3.10 0.78
N PHE A 212 -6.98 -2.10 1.44
CA PHE A 212 -7.90 -1.22 0.72
C PHE A 212 -7.15 -0.43 -0.35
N TYR A 213 -5.98 0.16 -0.05
CA TYR A 213 -5.34 0.99 -1.07
C TYR A 213 -4.46 0.22 -2.03
N THR A 214 -3.97 -0.98 -1.63
CA THR A 214 -3.02 -1.70 -2.47
C THR A 214 -3.75 -2.64 -3.46
N TYR A 215 -4.92 -3.20 -3.08
CA TYR A 215 -5.62 -4.13 -3.96
C TYR A 215 -7.04 -3.73 -4.30
N LEU A 216 -7.82 -3.31 -3.29
CA LEU A 216 -9.22 -2.96 -3.59
C LEU A 216 -9.30 -1.72 -4.49
N LEU A 217 -8.62 -0.65 -4.12
CA LEU A 217 -8.70 0.58 -4.91
C LEU A 217 -8.20 0.39 -6.35
N PRO A 218 -7.02 -0.22 -6.63
CA PRO A 218 -6.62 -0.38 -8.04
C PRO A 218 -7.60 -1.23 -8.84
N LEU A 219 -8.11 -2.33 -8.25
CA LEU A 219 -9.06 -3.18 -9.00
C LEU A 219 -10.36 -2.44 -9.33
N VAL A 220 -10.95 -1.77 -8.33
CA VAL A 220 -12.23 -1.05 -8.54
C VAL A 220 -12.02 0.18 -9.41
N MET A 221 -10.87 0.87 -9.29
CA MET A 221 -10.61 2.01 -10.17
C MET A 221 -10.54 1.54 -11.63
N GLY A 222 -9.92 0.36 -11.87
CA GLY A 222 -9.88 -0.18 -13.23
C GLY A 222 -11.29 -0.43 -13.75
N LEU A 223 -12.18 -0.93 -12.88
CA LEU A 223 -13.58 -1.16 -13.29
C LEU A 223 -14.30 0.17 -13.54
N LEU A 224 -14.06 1.18 -12.69
CA LEU A 224 -14.74 2.46 -12.87
C LEU A 224 -14.38 3.19 -14.17
N VAL A 225 -13.08 3.25 -14.49
CA VAL A 225 -12.66 3.96 -15.72
C VAL A 225 -13.13 3.19 -16.97
N SER A 226 -13.41 1.86 -16.81
CA SER A 226 -13.90 1.01 -17.89
C SER A 226 -15.42 0.98 -17.96
N GLU A 227 -16.12 1.65 -17.01
N GLU A 227 -16.09 1.63 -16.98
CA GLU A 227 -17.60 1.62 -16.93
CA GLU A 227 -17.56 1.63 -16.82
C GLU A 227 -18.05 0.15 -16.88
C GLU A 227 -18.06 0.18 -16.83
N ALA A 228 -17.33 -0.66 -16.07
CA ALA A 228 -17.58 -2.10 -15.97
C ALA A 228 -17.94 -2.58 -14.58
N ALA A 229 -18.24 -1.70 -13.61
CA ALA A 229 -18.52 -2.17 -12.25
C ALA A 229 -19.77 -3.06 -12.13
N ALA A 230 -20.84 -2.74 -12.90
CA ALA A 230 -22.08 -3.53 -12.92
C ALA A 230 -21.89 -4.93 -13.54
N SER A 231 -20.69 -5.17 -14.11
CA SER A 231 -20.28 -6.42 -14.74
C SER A 231 -19.75 -7.47 -13.75
N VAL A 232 -19.31 -7.05 -12.53
CA VAL A 232 -18.73 -7.93 -11.49
C VAL A 232 -19.59 -7.97 -10.22
N GLU A 233 -19.33 -8.95 -9.34
CA GLU A 233 -19.99 -9.04 -8.04
C GLU A 233 -19.06 -8.32 -7.04
N MET A 234 -19.41 -7.10 -6.58
CA MET A 234 -18.55 -6.33 -5.68
C MET A 234 -18.14 -7.07 -4.39
N ASN A 235 -19.03 -7.91 -3.80
CA ASN A 235 -18.62 -8.66 -2.61
C ASN A 235 -17.45 -9.62 -2.85
N LEU A 236 -17.34 -10.19 -4.07
CA LEU A 236 -16.22 -11.08 -4.42
C LEU A 236 -14.98 -10.25 -4.64
N VAL A 237 -15.12 -9.04 -5.20
CA VAL A 237 -13.94 -8.19 -5.41
C VAL A 237 -13.34 -7.85 -4.05
N GLU A 238 -14.19 -7.49 -3.08
CA GLU A 238 -13.75 -7.15 -1.73
C GLU A 238 -13.08 -8.36 -1.07
N ARG A 239 -13.69 -9.54 -1.17
CA ARG A 239 -13.11 -10.73 -0.56
C ARG A 239 -11.76 -11.12 -1.14
N VAL A 240 -11.63 -11.02 -2.48
CA VAL A 240 -10.36 -11.42 -3.09
C VAL A 240 -9.27 -10.36 -2.82
N ALA A 241 -9.67 -9.08 -2.76
CA ALA A 241 -8.72 -8.01 -2.45
C ALA A 241 -8.18 -8.17 -1.04
N HIS A 242 -9.05 -8.45 -0.06
N HIS A 242 -9.08 -8.50 -0.07
CA HIS A 242 -8.60 -8.56 1.33
CA HIS A 242 -8.79 -8.74 1.35
C HIS A 242 -7.77 -9.86 1.55
C HIS A 242 -7.74 -9.83 1.47
N LEU A 243 -8.00 -10.93 0.76
CA LEU A 243 -7.22 -12.15 0.80
C LEU A 243 -5.81 -11.96 0.20
N ILE A 244 -5.73 -11.37 -1.01
CA ILE A 244 -4.42 -11.14 -1.63
C ILE A 244 -3.62 -10.08 -0.84
N GLY A 245 -4.30 -9.06 -0.36
CA GLY A 245 -3.65 -7.99 0.41
C GLY A 245 -3.04 -8.51 1.70
N GLU A 246 -3.75 -9.42 2.38
CA GLU A 246 -3.23 -9.99 3.61
C GLU A 246 -1.96 -10.78 3.33
N TYR A 247 -1.95 -11.58 2.24
CA TYR A 247 -0.79 -12.38 1.87
C TYR A 247 0.40 -11.46 1.55
N PHE A 248 0.12 -10.36 0.83
CA PHE A 248 1.13 -9.37 0.48
C PHE A 248 1.81 -8.84 1.77
N GLN A 249 1.00 -8.50 2.78
CA GLN A 249 1.54 -7.97 4.04
C GLN A 249 2.31 -9.04 4.82
N VAL A 250 1.86 -10.31 4.76
CA VAL A 250 2.57 -11.38 5.46
C VAL A 250 3.96 -11.50 4.86
N GLN A 251 4.07 -11.45 3.50
CA GLN A 251 5.35 -11.48 2.78
C GLN A 251 6.25 -10.33 3.26
N ASP A 252 5.69 -9.09 3.33
N ASP A 252 5.68 -9.10 3.34
CA ASP A 252 6.44 -7.92 3.78
CA ASP A 252 6.39 -7.89 3.79
C ASP A 252 6.95 -8.10 5.22
C ASP A 252 6.91 -8.05 5.22
N ASP A 253 6.10 -8.65 6.12
CA ASP A 253 6.49 -8.88 7.53
C ASP A 253 7.64 -9.87 7.61
N VAL A 254 7.61 -10.93 6.81
CA VAL A 254 8.71 -11.91 6.83
C VAL A 254 9.98 -11.25 6.29
N MET A 255 9.86 -10.45 5.20
CA MET A 255 10.99 -9.77 4.57
C MET A 255 11.63 -8.76 5.52
N ASP A 256 10.80 -8.06 6.32
CA ASP A 256 11.31 -7.10 7.29
C ASP A 256 12.34 -7.74 8.22
N CYS A 257 12.08 -8.99 8.66
CA CYS A 257 12.92 -9.72 9.60
C CYS A 257 14.07 -10.46 8.92
N PHE A 258 13.84 -11.06 7.73
CA PHE A 258 14.85 -11.93 7.14
C PHE A 258 15.49 -11.51 5.80
N THR A 259 14.96 -10.51 5.09
CA THR A 259 15.57 -10.06 3.84
C THR A 259 16.75 -9.13 4.16
N PRO A 260 17.98 -9.39 3.63
CA PRO A 260 19.12 -8.49 3.93
C PRO A 260 18.85 -7.04 3.56
N PRO A 261 19.38 -6.06 4.34
CA PRO A 261 19.12 -4.64 4.05
C PRO A 261 19.37 -4.15 2.63
N GLU A 262 20.36 -4.72 1.91
CA GLU A 262 20.67 -4.35 0.52
C GLU A 262 19.53 -4.67 -0.46
N GLN A 263 18.87 -5.82 -0.28
CA GLN A 263 17.76 -6.30 -1.10
C GLN A 263 16.46 -5.62 -0.70
N LEU A 264 16.21 -5.51 0.62
CA LEU A 264 15.03 -4.88 1.23
C LEU A 264 15.02 -3.36 0.98
N GLY A 265 16.21 -2.75 0.94
CA GLY A 265 16.39 -1.31 0.73
C GLY A 265 16.35 -0.51 2.01
N LYS A 266 16.41 -1.22 3.18
CA LYS A 266 16.36 -0.65 4.52
C LYS A 266 16.74 -1.68 5.57
N VAL A 267 17.02 -1.21 6.80
CA VAL A 267 17.28 -2.05 7.96
C VAL A 267 15.89 -2.21 8.60
N GLY A 268 15.33 -3.41 8.56
CA GLY A 268 14.00 -3.69 9.12
C GLY A 268 14.05 -3.61 10.64
N THR A 269 13.06 -2.93 11.27
CA THR A 269 13.04 -2.79 12.73
C THR A 269 11.69 -3.20 13.37
N ASP A 270 10.90 -4.11 12.73
CA ASP A 270 9.62 -4.53 13.33
C ASP A 270 9.75 -5.12 14.73
N ILE A 271 10.82 -5.88 14.97
CA ILE A 271 11.08 -6.47 16.29
C ILE A 271 11.31 -5.38 17.34
N GLU A 272 12.21 -4.41 17.05
CA GLU A 272 12.54 -3.31 17.97
C GLU A 272 11.29 -2.45 18.26
N ASP A 273 10.44 -2.28 17.23
CA ASP A 273 9.23 -1.47 17.28
C ASP A 273 8.05 -2.21 17.94
N ALA A 274 8.25 -3.51 18.27
CA ALA A 274 7.24 -4.40 18.89
C ALA A 274 5.97 -4.50 18.06
N LYS A 275 6.13 -4.53 16.74
CA LYS A 275 4.97 -4.59 15.84
C LYS A 275 4.21 -5.91 15.97
N CYS A 276 2.89 -5.84 15.74
CA CYS A 276 2.09 -7.05 15.70
C CYS A 276 2.24 -7.59 14.28
N SER A 277 3.33 -8.31 14.04
CA SER A 277 3.67 -8.89 12.74
C SER A 277 3.15 -10.32 12.64
N TRP A 278 3.14 -10.84 11.40
CA TRP A 278 2.71 -12.21 11.17
C TRP A 278 3.65 -13.16 11.94
N LEU A 279 4.95 -12.83 11.97
CA LEU A 279 5.92 -13.67 12.66
C LEU A 279 5.66 -13.75 14.16
N ALA A 280 5.36 -12.61 14.81
CA ALA A 280 5.12 -12.62 16.26
C ALA A 280 3.82 -13.37 16.62
N VAL A 281 2.73 -13.09 15.88
CA VAL A 281 1.45 -13.75 16.12
C VAL A 281 1.58 -15.27 15.90
N THR A 282 2.20 -15.68 14.78
CA THR A 282 2.38 -17.11 14.48
C THR A 282 3.27 -17.81 15.53
N PHE A 283 4.36 -17.13 15.95
CA PHE A 283 5.25 -17.68 16.97
C PHE A 283 4.46 -17.92 18.26
N LEU A 284 3.67 -16.91 18.70
CA LEU A 284 2.89 -17.02 19.93
C LEU A 284 1.77 -18.06 19.80
N GLY A 285 1.38 -18.38 18.58
CA GLY A 285 0.37 -19.39 18.29
C GLY A 285 0.88 -20.80 18.37
N LYS A 286 2.21 -21.00 18.52
CA LYS A 286 2.75 -22.37 18.61
C LYS A 286 3.80 -22.58 19.70
N ALA A 287 4.26 -21.50 20.34
CA ALA A 287 5.30 -21.53 21.37
C ALA A 287 4.88 -22.26 22.65
N ASN A 288 5.86 -22.87 23.38
CA ASN A 288 5.59 -23.46 24.69
C ASN A 288 5.80 -22.33 25.72
N ALA A 289 5.52 -22.57 27.01
CA ALA A 289 5.66 -21.55 28.06
C ALA A 289 7.04 -20.90 28.12
N ALA A 290 8.12 -21.69 28.03
CA ALA A 290 9.50 -21.17 28.07
C ALA A 290 9.80 -20.24 26.89
N GLN A 291 9.36 -20.62 25.68
CA GLN A 291 9.55 -19.83 24.45
C GLN A 291 8.75 -18.52 24.54
N VAL A 292 7.53 -18.57 25.11
CA VAL A 292 6.71 -17.36 25.30
C VAL A 292 7.44 -16.40 26.27
N ALA A 293 7.94 -16.93 27.38
CA ALA A 293 8.67 -16.17 28.40
C ALA A 293 9.92 -15.50 27.80
N GLU A 294 10.69 -16.24 26.96
CA GLU A 294 11.90 -15.69 26.33
C GLU A 294 11.54 -14.60 25.33
N PHE A 295 10.42 -14.78 24.61
CA PHE A 295 9.94 -13.76 23.67
C PHE A 295 9.61 -12.47 24.43
N LYS A 296 8.87 -12.59 25.55
CA LYS A 296 8.47 -11.42 26.35
C LYS A 296 9.67 -10.66 26.91
N ALA A 297 10.73 -11.38 27.32
CA ALA A 297 11.93 -10.75 27.86
C ALA A 297 12.77 -10.02 26.79
N ASN A 298 12.57 -10.32 25.48
CA ASN A 298 13.40 -9.74 24.41
C ASN A 298 12.70 -8.88 23.37
N TYR A 299 11.39 -9.05 23.15
CA TYR A 299 10.67 -8.31 22.12
C TYR A 299 10.54 -6.81 22.40
N GLY A 300 10.54 -6.00 21.32
CA GLY A 300 10.33 -4.56 21.43
C GLY A 300 11.45 -3.76 22.07
N GLU A 301 12.69 -4.26 21.94
CA GLU A 301 13.90 -3.62 22.51
C GLU A 301 14.91 -3.31 21.42
N LYS A 302 15.55 -2.13 21.48
CA LYS A 302 16.56 -1.72 20.49
C LYS A 302 17.85 -2.55 20.57
N ASP A 303 18.18 -3.11 21.76
CA ASP A 303 19.36 -3.94 22.01
C ASP A 303 19.53 -5.01 20.92
N PRO A 304 20.61 -4.96 20.09
CA PRO A 304 20.79 -5.97 19.02
C PRO A 304 20.87 -7.41 19.50
N ALA A 305 21.34 -7.66 20.75
CA ALA A 305 21.42 -9.00 21.33
C ALA A 305 19.99 -9.54 21.56
N LYS A 306 19.07 -8.68 22.07
CA LYS A 306 17.66 -9.01 22.31
C LYS A 306 16.93 -9.28 20.98
N VAL A 307 17.24 -8.48 19.94
CA VAL A 307 16.71 -8.65 18.58
C VAL A 307 17.20 -10.00 18.01
N ALA A 308 18.48 -10.33 18.24
CA ALA A 308 19.06 -11.60 17.76
C ALA A 308 18.37 -12.80 18.41
N VAL A 309 17.99 -12.69 19.70
CA VAL A 309 17.27 -13.73 20.44
C VAL A 309 15.91 -13.99 19.76
N VAL A 310 15.15 -12.90 19.48
CA VAL A 310 13.83 -13.01 18.85
C VAL A 310 13.93 -13.69 17.48
N LYS A 311 14.90 -13.26 16.64
CA LYS A 311 15.14 -13.86 15.30
C LYS A 311 15.47 -15.35 15.40
N ARG A 312 16.22 -15.73 16.45
CA ARG A 312 16.61 -17.13 16.73
C ARG A 312 15.37 -17.93 17.15
N LEU A 313 14.46 -17.32 17.96
CA LEU A 313 13.23 -17.97 18.41
C LEU A 313 12.36 -18.29 17.20
N TYR A 314 12.27 -17.34 16.24
CA TYR A 314 11.51 -17.51 15.01
C TYR A 314 12.07 -18.67 14.16
N SER A 315 13.43 -18.74 14.03
CA SER A 315 14.11 -19.80 13.27
C SER A 315 13.93 -21.17 13.93
N LYS A 316 14.04 -21.24 15.27
CA LYS A 316 13.89 -22.48 16.04
C LYS A 316 12.43 -22.99 16.06
N ALA A 317 11.45 -22.07 15.97
CA ALA A 317 10.02 -22.39 15.96
C ALA A 317 9.52 -22.89 14.61
N ASN A 318 10.42 -22.95 13.60
CA ASN A 318 10.12 -23.41 12.24
C ASN A 318 8.89 -22.69 11.65
N LEU A 319 8.98 -21.35 11.60
CA LEU A 319 7.89 -20.53 11.06
C LEU A 319 7.78 -20.68 9.54
N GLN A 320 8.83 -21.17 8.86
CA GLN A 320 8.81 -21.46 7.41
C GLN A 320 7.68 -22.45 7.09
N ALA A 321 7.46 -23.46 7.98
CA ALA A 321 6.42 -24.48 7.82
C ALA A 321 5.03 -23.84 7.93
N ASP A 322 4.86 -22.91 8.90
CA ASP A 322 3.59 -22.19 9.07
C ASP A 322 3.33 -21.31 7.87
N PHE A 323 4.39 -20.67 7.32
CA PHE A 323 4.23 -19.84 6.13
C PHE A 323 3.79 -20.69 4.94
N ALA A 324 4.40 -21.86 4.75
CA ALA A 324 4.03 -22.76 3.65
C ALA A 324 2.56 -23.20 3.76
N ALA A 325 2.07 -23.49 4.99
CA ALA A 325 0.68 -23.89 5.25
C ALA A 325 -0.27 -22.72 5.00
N TYR A 326 0.10 -21.52 5.44
CA TYR A 326 -0.69 -20.31 5.20
C TYR A 326 -0.80 -20.07 3.68
N GLU A 327 0.35 -20.12 2.98
CA GLU A 327 0.46 -19.91 1.52
C GLU A 327 -0.40 -20.91 0.76
N ALA A 328 -0.35 -22.22 1.14
CA ALA A 328 -1.17 -23.24 0.48
C ALA A 328 -2.66 -22.93 0.66
N GLU A 329 -3.05 -22.43 1.84
CA GLU A 329 -4.43 -22.08 2.12
C GLU A 329 -4.85 -20.85 1.29
N VAL A 330 -3.96 -19.85 1.16
CA VAL A 330 -4.27 -18.66 0.37
C VAL A 330 -4.42 -19.01 -1.11
N VAL A 331 -3.46 -19.80 -1.67
CA VAL A 331 -3.51 -20.26 -3.07
C VAL A 331 -4.89 -20.89 -3.33
N ARG A 332 -5.34 -21.74 -2.41
CA ARG A 332 -6.60 -22.44 -2.45
C ARG A 332 -7.83 -21.50 -2.45
N GLU A 333 -7.85 -20.52 -1.53
CA GLU A 333 -8.97 -19.60 -1.43
C GLU A 333 -8.99 -18.60 -2.59
N VAL A 334 -7.79 -18.13 -3.02
CA VAL A 334 -7.67 -17.17 -4.14
C VAL A 334 -8.18 -17.85 -5.41
N GLU A 335 -7.78 -19.12 -5.65
CA GLU A 335 -8.26 -19.89 -6.82
C GLU A 335 -9.78 -20.05 -6.80
N SER A 336 -10.37 -20.27 -5.60
CA SER A 336 -11.83 -20.40 -5.42
C SER A 336 -12.56 -19.11 -5.79
N LEU A 337 -12.03 -17.96 -5.31
CA LEU A 337 -12.64 -16.66 -5.60
C LEU A 337 -12.53 -16.29 -7.07
N ILE A 338 -11.39 -16.63 -7.71
CA ILE A 338 -11.18 -16.41 -9.15
C ILE A 338 -12.21 -17.19 -9.94
N GLU A 339 -12.48 -18.43 -9.50
CA GLU A 339 -13.50 -19.24 -10.13
C GLU A 339 -14.88 -18.59 -10.02
N GLN A 340 -15.23 -18.05 -8.84
CA GLN A 340 -16.52 -17.39 -8.63
C GLN A 340 -16.62 -16.11 -9.51
N LEU A 341 -15.49 -15.38 -9.68
CA LEU A 341 -15.44 -14.16 -10.52
C LEU A 341 -15.69 -14.47 -11.99
N LYS A 342 -15.38 -15.70 -12.45
CA LYS A 342 -15.62 -16.09 -13.84
C LYS A 342 -17.09 -16.16 -14.19
N VAL A 343 -18.00 -16.33 -13.19
CA VAL A 343 -19.45 -16.41 -13.43
C VAL A 343 -19.90 -15.16 -14.19
N LYS A 344 -19.50 -13.98 -13.69
CA LYS A 344 -19.91 -12.71 -14.28
C LYS A 344 -18.89 -12.10 -15.27
N SER A 345 -17.57 -12.36 -15.10
CA SER A 345 -16.54 -11.80 -16.00
C SER A 345 -15.23 -12.56 -16.06
N PRO A 346 -15.05 -13.39 -17.14
CA PRO A 346 -13.77 -14.08 -17.32
C PRO A 346 -12.62 -13.09 -17.48
N THR A 347 -12.88 -11.94 -18.13
CA THR A 347 -11.88 -10.90 -18.31
C THR A 347 -11.37 -10.38 -16.96
N PHE A 348 -12.29 -9.99 -16.07
CA PHE A 348 -11.88 -9.48 -14.75
C PHE A 348 -11.23 -10.57 -13.92
N ALA A 349 -11.77 -11.80 -13.95
CA ALA A 349 -11.13 -12.90 -13.21
C ALA A 349 -9.67 -13.09 -13.67
N GLU A 350 -9.40 -12.94 -14.99
CA GLU A 350 -8.04 -13.01 -15.54
C GLU A 350 -7.12 -11.90 -15.01
N SER A 351 -7.63 -10.65 -14.88
CA SER A 351 -6.79 -9.59 -14.31
C SER A 351 -6.46 -9.92 -12.86
N VAL A 352 -7.44 -10.52 -12.12
CA VAL A 352 -7.21 -10.94 -10.73
C VAL A 352 -6.16 -12.05 -10.67
N ALA A 353 -6.18 -13.01 -11.63
CA ALA A 353 -5.16 -14.06 -11.69
C ALA A 353 -3.75 -13.46 -11.90
N VAL A 354 -3.65 -12.43 -12.77
CA VAL A 354 -2.37 -11.73 -13.02
C VAL A 354 -1.87 -11.01 -11.76
N VAL A 355 -2.77 -10.27 -11.08
CA VAL A 355 -2.46 -9.59 -9.83
C VAL A 355 -1.92 -10.60 -8.79
N TRP A 356 -2.62 -11.74 -8.65
CA TRP A 356 -2.19 -12.79 -7.73
C TRP A 356 -0.82 -13.35 -8.10
N GLU A 357 -0.61 -13.70 -9.38
CA GLU A 357 0.68 -14.24 -9.84
C GLU A 357 1.83 -13.27 -9.54
N LYS A 358 1.63 -11.96 -9.79
CA LYS A 358 2.63 -10.93 -9.52
C LYS A 358 2.93 -10.80 -8.02
N THR A 359 1.91 -11.00 -7.16
CA THR A 359 2.07 -10.92 -5.70
C THR A 359 2.81 -12.17 -5.18
N HIS A 360 2.30 -13.35 -5.53
CA HIS A 360 2.80 -14.67 -5.12
C HIS A 360 4.26 -14.91 -5.54
N LYS A 361 4.63 -14.47 -6.76
CA LYS A 361 5.96 -14.70 -7.35
C LYS A 361 6.99 -13.57 -7.16
N ARG A 362 6.65 -12.46 -6.45
CA ARG A 362 7.60 -11.37 -6.23
C ARG A 362 8.77 -11.74 -5.31
CL1 GO1 B . 11.92 -18.39 10.68
C2 GO1 B . 11.65 -17.97 9.00
C3 GO1 B . 12.70 -17.69 8.10
N4 GO1 B . 14.03 -17.69 8.31
C6 GO1 B . 14.71 -17.38 7.24
C7 GO1 B . 13.86 -17.18 6.21
C8 GO1 B . 12.46 -17.38 6.78
C9 GO1 B . 11.17 -17.35 6.26
C11 GO1 B . 10.11 -17.62 7.15
C12 GO1 B . 10.35 -17.93 8.50
CL14 GO1 B . 8.47 -17.56 6.58
C15 GO1 B . 14.23 -16.79 4.79
C18 GO1 B . 13.09 -16.66 3.82
O19 GO1 B . 12.72 -15.40 3.55
O20 GO1 B . 12.54 -17.63 3.32
C22 GO1 B . 16.18 -17.29 7.26
O23 GO1 B . 16.79 -16.66 6.41
O24 GO1 B . 16.86 -17.94 8.23
ZN ZN C . 4.52 2.71 10.00
ZN ZN D . 6.90 -3.90 6.95
S SO4 E . 5.65 -0.64 -5.25
O1 SO4 E . 7.08 -0.85 -5.50
O2 SO4 E . 5.43 0.74 -4.81
O3 SO4 E . 5.18 -1.54 -4.22
O4 SO4 E . 4.90 -0.90 -6.52
#